data_9HRO
#
_entry.id   9HRO
#
loop_
_entity.id
_entity.type
_entity.pdbx_description
1 polymer 'RNA (35-MER)'
2 non-polymer TOBRAMYCIN
#
_entity_poly.entity_id   1
_entity_poly.type   'polyribonucleotide'
_entity_poly.pdbx_seq_one_letter_code
;GGUGUUUCGGAAAGCUUCGGCUUCUACCGAGCACC
;
_entity_poly.pdbx_strand_id   A
#